data_6IYV
#
_entry.id   6IYV
#
_cell.length_a   68.365
_cell.length_b   73.188
_cell.length_c   104.233
_cell.angle_alpha   90.00
_cell.angle_beta   90.00
_cell.angle_gamma   90.00
#
_symmetry.space_group_name_H-M   'P 21 21 21'
#
loop_
_entity.id
_entity.type
_entity.pdbx_description
1 polymer 'L,D-transpeptidase 2'
2 non-polymer '(2S,3R,4S)-4-({(3S,5S)-5-[(3-carboxyphenyl)carbamoyl]pyrrolidin-3-yl}sulfanyl)-2-[(1S,2R)-1-formyl-2-hydroxypropyl]-3-methyl-3,4-dihydro-2H-pyrrole-5-carboxylic acid'
3 non-polymer GLYCEROL
4 non-polymer DI(HYDROXYETHYL)ETHER
5 non-polymer 'SULFATE ION'
6 non-polymer 2-AMINO-2-HYDROXYMETHYL-PROPANE-1,3-DIOL
7 water water
#
_entity_poly.entity_id   1
_entity_poly.type   'polypeptide(L)'
_entity_poly.pdbx_seq_one_letter_code
;SNAQLTFQTSSPAHLTMPYVMPGDGEVVGVGEPVAIRFDENIADRGAAEKAIKITTNPPVEGAFYWLNNREVRWRPEHFW
KPGTAVDVAVNTYGVDLGEGMFGEDNVQTHFTIGDEVIATADDNTKILTVRVNGEVVKSMPTSMGKDSTPTANGIYIVGS
RYKHIIMDSSTYGVPVNSPNGYRTDVDWATQISYSGVFVHSAPWSVGAQGHTNTSHGCLNVSPSNAQWFYDHVKRGDIVE
VVNTVGGTLPGIDGLGDWNIPWDQWRAGNAKA
;
_entity_poly.pdbx_strand_id   B,A
#
loop_
_chem_comp.id
_chem_comp.type
_chem_comp.name
_chem_comp.formula
2RG non-polymer '(2S,3R,4S)-4-({(3S,5S)-5-[(3-carboxyphenyl)carbamoyl]pyrrolidin-3-yl}sulfanyl)-2-[(1S,2R)-1-formyl-2-hydroxypropyl]-3-methyl-3,4-dihydro-2H-pyrrole-5-carboxylic acid' 'C22 H27 N3 O7 S'
GOL non-polymer GLYCEROL 'C3 H8 O3'
PEG non-polymer DI(HYDROXYETHYL)ETHER 'C4 H10 O3'
SO4 non-polymer 'SULFATE ION' 'O4 S -2'
TRS non-polymer 2-AMINO-2-HYDROXYMETHYL-PROPANE-1,3-DIOL 'C4 H12 N O3 1'
#
# COMPACT_ATOMS: atom_id res chain seq x y z
N THR A 6 -0.75 -9.19 -33.09
CA THR A 6 -0.86 -8.01 -33.94
C THR A 6 0.52 -7.49 -34.35
N PHE A 7 0.65 -7.12 -35.60
CA PHE A 7 1.88 -6.60 -36.18
C PHE A 7 1.90 -5.08 -36.22
N GLN A 8 3.09 -4.51 -36.14
CA GLN A 8 3.26 -3.07 -36.36
C GLN A 8 3.20 -2.76 -37.86
N THR A 9 2.65 -1.59 -38.18
CA THR A 9 2.61 -1.05 -39.52
C THR A 9 3.64 0.07 -39.65
N SER A 10 4.44 0.04 -40.71
CA SER A 10 5.42 1.10 -40.90
C SER A 10 4.70 2.38 -41.32
N SER A 11 5.18 3.52 -40.83
CA SER A 11 4.54 4.79 -41.13
C SER A 11 5.57 5.90 -41.10
N PRO A 12 5.43 6.92 -41.96
CA PRO A 12 6.35 8.06 -41.91
C PRO A 12 6.08 8.97 -40.72
N ALA A 13 4.90 8.86 -40.11
CA ALA A 13 4.53 9.66 -38.96
C ALA A 13 5.06 9.04 -37.68
N HIS A 14 5.21 9.88 -36.67
CA HIS A 14 5.86 9.44 -35.45
C HIS A 14 4.94 8.56 -34.64
N LEU A 15 5.51 7.52 -34.03
CA LEU A 15 4.79 6.61 -33.14
C LEU A 15 4.43 7.33 -31.85
N THR A 16 3.48 6.77 -31.11
CA THR A 16 3.18 7.23 -29.77
C THR A 16 3.17 6.07 -28.78
N MET A 17 3.69 6.33 -27.59
CA MET A 17 3.78 5.35 -26.51
C MET A 17 2.83 5.72 -25.38
N PRO A 18 2.01 4.78 -24.90
CA PRO A 18 1.19 5.04 -23.72
C PRO A 18 1.94 4.78 -22.42
N TYR A 19 1.50 5.52 -21.39
CA TYR A 19 1.99 5.37 -20.02
C TYR A 19 0.77 5.29 -19.12
N VAL A 20 0.70 4.25 -18.29
CA VAL A 20 -0.46 3.99 -17.45
C VAL A 20 -0.15 4.31 -16.00
N MET A 21 -1.10 4.96 -15.34
CA MET A 21 -1.16 5.11 -13.90
C MET A 21 -2.48 4.53 -13.40
N PRO A 22 -2.53 4.03 -12.15
CA PRO A 22 -1.45 4.02 -11.18
C PRO A 22 -0.40 2.97 -11.49
N GLY A 23 0.61 2.89 -10.62
CA GLY A 23 1.73 2.02 -10.87
C GLY A 23 1.34 0.55 -10.83
N ASP A 24 2.06 -0.23 -11.63
CA ASP A 24 1.81 -1.67 -11.72
C ASP A 24 2.01 -2.34 -10.36
N GLY A 25 0.97 -3.03 -9.88
CA GLY A 25 1.04 -3.72 -8.62
C GLY A 25 0.72 -2.89 -7.39
N GLU A 26 0.41 -1.61 -7.56
CA GLU A 26 0.16 -0.73 -6.42
C GLU A 26 -1.21 -1.00 -5.79
N VAL A 27 -1.31 -0.68 -4.50
CA VAL A 27 -2.58 -0.52 -3.80
C VAL A 27 -2.89 0.98 -3.76
N VAL A 28 -4.09 1.36 -4.20
CA VAL A 28 -4.50 2.76 -4.25
C VAL A 28 -5.85 2.91 -3.58
N GLY A 29 -6.19 4.16 -3.26
CA GLY A 29 -7.46 4.46 -2.63
C GLY A 29 -8.63 4.45 -3.60
N VAL A 30 -9.82 4.63 -3.03
CA VAL A 30 -11.08 4.48 -3.76
C VAL A 30 -11.35 5.58 -4.76
N GLY A 31 -10.54 6.65 -4.75
CA GLY A 31 -10.67 7.70 -5.72
C GLY A 31 -9.71 7.66 -6.89
N GLU A 32 -8.90 6.61 -7.03
CA GLU A 32 -7.85 6.62 -8.05
C GLU A 32 -8.43 6.36 -9.43
N PRO A 33 -8.32 7.28 -10.38
CA PRO A 33 -8.72 6.97 -11.75
C PRO A 33 -7.64 6.17 -12.45
N VAL A 34 -8.05 5.43 -13.47
CA VAL A 34 -7.06 4.91 -14.42
C VAL A 34 -6.66 6.07 -15.33
N ALA A 35 -5.37 6.20 -15.60
CA ALA A 35 -4.90 7.26 -16.46
C ALA A 35 -4.03 6.63 -17.54
N ILE A 36 -4.34 6.95 -18.79
CA ILE A 36 -3.52 6.54 -19.91
C ILE A 36 -3.03 7.82 -20.57
N ARG A 37 -1.74 8.09 -20.43
CA ARG A 37 -1.13 9.29 -20.96
C ARG A 37 -0.21 8.91 -22.11
N PHE A 38 -0.42 9.53 -23.26
CA PHE A 38 0.41 9.30 -24.43
C PHE A 38 1.46 10.39 -24.53
N ASP A 39 2.58 10.05 -25.19
CA ASP A 39 3.62 11.04 -25.42
C ASP A 39 3.37 11.87 -26.68
N GLU A 40 2.18 11.75 -27.27
CA GLU A 40 1.71 12.55 -28.38
C GLU A 40 0.24 12.89 -28.18
N ASN A 41 -0.22 13.96 -28.82
CA ASN A 41 -1.65 14.20 -28.88
C ASN A 41 -2.31 13.14 -29.76
N ILE A 42 -3.51 12.73 -29.39
CA ILE A 42 -4.20 11.64 -30.06
C ILE A 42 -5.28 12.21 -30.98
N ALA A 43 -5.14 11.97 -32.28
CA ALA A 43 -6.11 12.49 -33.24
C ALA A 43 -7.39 11.66 -33.26
N ASP A 44 -7.30 10.35 -33.07
CA ASP A 44 -8.46 9.47 -33.08
C ASP A 44 -8.67 8.96 -31.66
N ARG A 45 -9.38 9.75 -30.85
CA ARG A 45 -9.61 9.38 -29.45
C ARG A 45 -10.41 8.10 -29.34
N GLY A 46 -11.39 7.91 -30.24
CA GLY A 46 -12.18 6.69 -30.20
C GLY A 46 -11.35 5.44 -30.43
N ALA A 47 -10.36 5.53 -31.31
CA ALA A 47 -9.50 4.37 -31.52
C ALA A 47 -8.68 4.06 -30.28
N ALA A 48 -8.22 5.12 -29.58
CA ALA A 48 -7.49 4.91 -28.33
C ALA A 48 -8.37 4.26 -27.29
N GLU A 49 -9.60 4.77 -27.13
CA GLU A 49 -10.52 4.19 -26.14
C GLU A 49 -10.83 2.74 -26.46
N LYS A 50 -11.08 2.43 -27.73
CA LYS A 50 -11.38 1.06 -28.13
C LYS A 50 -10.23 0.11 -27.82
N ALA A 51 -8.99 0.61 -27.85
CA ALA A 51 -7.83 -0.23 -27.61
C ALA A 51 -7.53 -0.44 -26.13
N ILE A 52 -8.27 0.23 -25.24
CA ILE A 52 -7.99 0.17 -23.81
C ILE A 52 -9.09 -0.68 -23.18
N LYS A 53 -8.70 -1.81 -22.61
CA LYS A 53 -9.65 -2.73 -21.99
C LYS A 53 -9.40 -2.76 -20.49
N ILE A 54 -10.38 -2.31 -19.71
CA ILE A 54 -10.27 -2.26 -18.26
C ILE A 54 -11.19 -3.33 -17.71
N THR A 55 -10.62 -4.25 -16.94
CA THR A 55 -11.41 -5.32 -16.34
C THR A 55 -11.33 -5.20 -14.83
N THR A 56 -12.44 -5.44 -14.15
CA THR A 56 -12.54 -5.20 -12.72
C THR A 56 -13.20 -6.39 -12.06
N ASN A 57 -12.80 -6.63 -10.81
CA ASN A 57 -13.49 -7.63 -10.00
C ASN A 57 -13.64 -7.11 -8.59
N PRO A 58 -14.88 -6.96 -8.10
CA PRO A 58 -16.13 -7.23 -8.84
C PRO A 58 -16.29 -6.30 -10.04
N PRO A 59 -17.02 -6.74 -11.06
CA PRO A 59 -17.19 -5.89 -12.25
C PRO A 59 -17.99 -4.64 -11.91
N VAL A 60 -17.53 -3.50 -12.45
CA VAL A 60 -18.21 -2.22 -12.28
C VAL A 60 -18.13 -1.47 -13.60
N GLU A 61 -19.19 -0.74 -13.94
CA GLU A 61 -19.20 0.10 -15.11
C GLU A 61 -18.36 1.36 -14.90
N GLY A 62 -17.78 1.86 -15.98
CA GLY A 62 -17.04 3.10 -15.94
C GLY A 62 -17.05 3.80 -17.28
N ALA A 63 -16.28 4.89 -17.42
CA ALA A 63 -16.30 5.65 -18.65
C ALA A 63 -15.02 6.47 -18.78
N PHE A 64 -14.66 6.77 -20.04
CA PHE A 64 -13.50 7.58 -20.39
C PHE A 64 -13.82 9.06 -20.45
N TYR A 65 -12.86 9.89 -20.00
CA TYR A 65 -12.93 11.33 -20.16
C TYR A 65 -11.51 11.84 -20.39
N TRP A 66 -11.35 12.69 -21.41
CA TRP A 66 -10.02 13.19 -21.77
C TRP A 66 -9.69 14.44 -20.96
N LEU A 67 -8.61 14.37 -20.19
CA LEU A 67 -8.16 15.51 -19.41
C LEU A 67 -7.54 16.60 -20.29
N ASN A 68 -6.95 16.18 -21.41
CA ASN A 68 -6.33 17.06 -22.39
C ASN A 68 -6.15 16.23 -23.67
N ASN A 69 -5.36 16.75 -24.62
CA ASN A 69 -5.30 16.06 -25.90
C ASN A 69 -4.46 14.78 -25.87
N ARG A 70 -3.68 14.54 -24.81
CA ARG A 70 -2.80 13.38 -24.72
C ARG A 70 -3.17 12.39 -23.62
N GLU A 71 -4.04 12.74 -22.68
CA GLU A 71 -4.25 11.93 -21.48
C GLU A 71 -5.73 11.67 -21.27
N VAL A 72 -6.10 10.40 -21.19
CA VAL A 72 -7.48 10.00 -20.95
C VAL A 72 -7.58 9.32 -19.59
N ARG A 73 -8.70 9.55 -18.91
CA ARG A 73 -8.98 9.00 -17.59
C ARG A 73 -10.18 8.07 -17.68
N TRP A 74 -10.18 7.03 -16.85
CA TRP A 74 -11.31 6.11 -16.74
C TRP A 74 -11.63 5.91 -15.27
N ARG A 75 -12.91 6.01 -14.91
CA ARG A 75 -13.29 5.77 -13.52
C ARG A 75 -14.73 5.31 -13.50
N PRO A 76 -15.16 4.71 -12.40
CA PRO A 76 -16.58 4.41 -12.21
C PRO A 76 -17.36 5.67 -11.84
N GLU A 77 -18.68 5.51 -11.74
CA GLU A 77 -19.54 6.63 -11.37
C GLU A 77 -19.31 7.03 -9.92
N HIS A 78 -19.13 6.07 -9.05
CA HIS A 78 -18.86 6.31 -7.63
C HIS A 78 -17.48 5.79 -7.27
N PHE A 79 -17.00 6.19 -6.09
CA PHE A 79 -15.72 5.69 -5.62
C PHE A 79 -15.68 4.17 -5.74
N TRP A 80 -14.47 3.64 -6.00
CA TRP A 80 -14.27 2.20 -6.06
C TRP A 80 -14.73 1.50 -4.78
N LYS A 81 -15.22 0.27 -4.93
CA LYS A 81 -15.44 -0.61 -3.80
C LYS A 81 -14.10 -1.09 -3.26
N PRO A 82 -13.83 -0.94 -1.95
CA PRO A 82 -12.58 -1.46 -1.39
C PRO A 82 -12.38 -2.93 -1.73
N GLY A 83 -11.14 -3.29 -2.05
CA GLY A 83 -10.80 -4.66 -2.38
C GLY A 83 -10.89 -4.99 -3.85
N THR A 84 -11.46 -4.11 -4.66
CA THR A 84 -11.55 -4.35 -6.10
C THR A 84 -10.17 -4.54 -6.69
N ALA A 85 -10.02 -5.55 -7.55
CA ALA A 85 -8.83 -5.76 -8.35
C ALA A 85 -9.08 -5.26 -9.76
N VAL A 86 -8.11 -4.54 -10.32
CA VAL A 86 -8.26 -3.89 -11.62
C VAL A 86 -7.13 -4.31 -12.54
N ASP A 87 -7.48 -4.65 -13.77
CA ASP A 87 -6.52 -4.96 -14.81
C ASP A 87 -6.72 -3.96 -15.94
N VAL A 88 -5.62 -3.37 -16.41
CA VAL A 88 -5.67 -2.38 -17.46
C VAL A 88 -4.84 -2.93 -18.60
N ALA A 89 -5.49 -3.16 -19.74
CA ALA A 89 -4.82 -3.65 -20.95
C ALA A 89 -4.90 -2.55 -21.99
N VAL A 90 -3.78 -1.87 -22.21
CA VAL A 90 -3.68 -0.82 -23.23
C VAL A 90 -3.10 -1.52 -24.45
N ASN A 91 -3.98 -1.97 -25.34
CA ASN A 91 -3.61 -2.82 -26.46
C ASN A 91 -3.41 -2.00 -27.73
N THR A 92 -2.49 -1.05 -27.64
CA THR A 92 -2.29 -0.07 -28.70
C THR A 92 -1.20 -0.45 -29.70
N TYR A 93 -0.49 -1.56 -29.51
CA TYR A 93 0.58 -1.93 -30.45
C TYR A 93 0.02 -2.06 -31.85
N GLY A 94 0.56 -1.27 -32.79
CA GLY A 94 0.12 -1.37 -34.16
C GLY A 94 -1.25 -0.82 -34.45
N VAL A 95 -1.91 -0.21 -33.48
CA VAL A 95 -3.21 0.41 -33.71
C VAL A 95 -3.01 1.81 -34.30
N ASP A 96 -3.74 2.11 -35.37
CA ASP A 96 -3.72 3.43 -35.97
C ASP A 96 -4.51 4.40 -35.09
N LEU A 97 -3.82 5.31 -34.42
CA LEU A 97 -4.46 6.27 -33.54
C LEU A 97 -4.75 7.60 -34.23
N GLY A 98 -4.76 7.60 -35.56
CA GLY A 98 -5.15 8.71 -36.40
C GLY A 98 -3.96 9.37 -37.06
N GLU A 99 -4.14 9.77 -38.32
CA GLU A 99 -3.15 10.55 -39.06
C GLU A 99 -1.80 9.84 -39.14
N GLY A 100 -1.84 8.52 -39.30
CA GLY A 100 -0.62 7.75 -39.45
C GLY A 100 0.15 7.50 -38.18
N MET A 101 -0.41 7.86 -37.02
CA MET A 101 0.26 7.65 -35.75
C MET A 101 -0.15 6.31 -35.20
N PHE A 102 0.82 5.42 -34.97
CA PHE A 102 0.55 4.08 -34.50
C PHE A 102 1.08 3.90 -33.08
N GLY A 103 0.40 3.04 -32.32
CA GLY A 103 0.86 2.71 -30.99
C GLY A 103 2.18 1.97 -31.04
N GLU A 104 3.14 2.40 -30.21
CA GLU A 104 4.47 1.83 -30.22
C GLU A 104 4.52 0.48 -29.52
N ASP A 105 3.60 0.24 -28.59
CA ASP A 105 3.66 -0.95 -27.76
C ASP A 105 2.33 -1.09 -27.05
N ASN A 106 2.15 -2.25 -26.43
CA ASN A 106 1.10 -2.48 -25.46
C ASN A 106 1.65 -2.19 -24.08
N VAL A 107 0.76 -1.84 -23.16
CA VAL A 107 1.13 -1.75 -21.75
C VAL A 107 0.03 -2.44 -20.98
N GLN A 108 0.39 -2.97 -19.81
CA GLN A 108 -0.60 -3.61 -18.97
C GLN A 108 -0.19 -3.35 -17.54
N THR A 109 -1.19 -3.22 -16.68
CA THR A 109 -0.93 -3.05 -15.27
C THR A 109 -2.04 -3.73 -14.48
N HIS A 110 -1.70 -4.04 -13.23
CA HIS A 110 -2.64 -4.48 -12.22
C HIS A 110 -2.56 -3.51 -11.05
N PHE A 111 -3.71 -3.22 -10.46
CA PHE A 111 -3.70 -2.53 -9.19
C PHE A 111 -4.93 -2.97 -8.39
N THR A 112 -4.86 -2.74 -7.09
CA THR A 112 -5.97 -3.08 -6.21
C THR A 112 -6.38 -1.86 -5.41
N ILE A 113 -7.64 -1.86 -4.99
CA ILE A 113 -8.20 -0.78 -4.17
C ILE A 113 -8.09 -1.16 -2.69
N GLY A 114 -7.52 -0.25 -1.89
CA GLY A 114 -7.45 -0.44 -0.45
C GLY A 114 -8.71 -0.04 0.27
N ASP A 115 -8.57 0.20 1.58
CA ASP A 115 -9.70 0.66 2.38
C ASP A 115 -10.22 1.99 1.82
N GLU A 116 -11.49 2.28 2.13
CA GLU A 116 -12.09 3.57 1.80
C GLU A 116 -11.59 4.59 2.82
N VAL A 117 -10.82 5.57 2.37
CA VAL A 117 -10.26 6.61 3.23
C VAL A 117 -10.72 7.95 2.70
N ILE A 118 -11.57 8.63 3.46
CA ILE A 118 -12.14 9.90 3.05
C ILE A 118 -11.92 10.88 4.20
N ALA A 119 -11.16 11.93 3.93
CA ALA A 119 -10.87 12.97 4.91
C ALA A 119 -11.64 14.23 4.54
N THR A 120 -12.50 14.70 5.43
CA THR A 120 -13.38 15.83 5.15
C THR A 120 -12.89 17.05 5.93
N ALA A 121 -12.56 18.11 5.20
CA ALA A 121 -12.19 19.39 5.81
C ALA A 121 -13.41 20.32 5.72
N ASP A 122 -13.99 20.62 6.88
CA ASP A 122 -15.22 21.41 6.93
C ASP A 122 -14.87 22.81 7.43
N ASP A 123 -15.01 23.81 6.56
CA ASP A 123 -14.65 25.16 6.99
C ASP A 123 -15.55 25.66 8.10
N ASN A 124 -16.76 25.11 8.25
CA ASN A 124 -17.62 25.57 9.34
C ASN A 124 -17.03 25.21 10.69
N THR A 125 -16.28 24.11 10.78
CA THR A 125 -15.69 23.66 12.03
C THR A 125 -14.19 23.82 12.10
N LYS A 126 -13.52 24.02 10.95
CA LYS A 126 -12.07 24.07 10.87
C LYS A 126 -11.44 22.75 11.34
N ILE A 127 -12.11 21.64 11.04
CA ILE A 127 -11.62 20.32 11.38
C ILE A 127 -11.50 19.46 10.13
N LEU A 128 -10.40 18.74 10.02
CA LEU A 128 -10.20 17.71 9.00
C LEU A 128 -10.41 16.35 9.66
N THR A 129 -11.49 15.67 9.31
CA THR A 129 -11.85 14.39 9.92
C THR A 129 -11.55 13.25 8.95
N VAL A 130 -10.75 12.29 9.39
CA VAL A 130 -10.37 11.15 8.55
C VAL A 130 -11.25 9.96 8.91
N ARG A 131 -11.97 9.43 7.91
CA ARG A 131 -12.81 8.25 8.08
C ARG A 131 -12.23 7.10 7.27
N VAL A 132 -12.11 5.95 7.90
CA VAL A 132 -11.62 4.72 7.28
C VAL A 132 -12.78 3.74 7.28
N ASN A 133 -13.25 3.36 6.09
CA ASN A 133 -14.43 2.51 5.94
C ASN A 133 -15.59 3.01 6.78
N GLY A 134 -15.79 4.33 6.80
CA GLY A 134 -16.91 4.94 7.44
C GLY A 134 -16.70 5.35 8.89
N GLU A 135 -15.63 4.90 9.53
CA GLU A 135 -15.39 5.16 10.94
C GLU A 135 -14.37 6.27 11.11
N VAL A 136 -14.68 7.25 11.96
CA VAL A 136 -13.73 8.31 12.28
C VAL A 136 -12.54 7.73 13.02
N VAL A 137 -11.34 7.92 12.47
CA VAL A 137 -10.12 7.50 13.15
C VAL A 137 -9.25 8.68 13.56
N LYS A 138 -9.45 9.87 12.99
CA LYS A 138 -8.66 11.03 13.37
C LYS A 138 -9.53 12.27 13.20
N SER A 139 -9.39 13.20 14.13
CA SER A 139 -10.03 14.50 14.08
C SER A 139 -8.90 15.52 14.20
N MET A 140 -8.60 16.23 13.11
CA MET A 140 -7.41 17.07 13.02
C MET A 140 -7.80 18.54 12.89
N PRO A 141 -7.56 19.38 13.89
CA PRO A 141 -7.72 20.82 13.69
C PRO A 141 -6.91 21.28 12.50
N THR A 142 -7.49 22.17 11.69
CA THR A 142 -6.83 22.61 10.47
C THR A 142 -7.01 24.12 10.31
N SER A 143 -6.08 24.72 9.57
CA SER A 143 -6.17 26.11 9.16
C SER A 143 -6.04 26.13 7.65
N MET A 144 -7.08 26.60 6.96
CA MET A 144 -7.14 26.59 5.51
C MET A 144 -6.84 28.00 4.98
N GLY A 145 -7.16 28.24 3.70
CA GLY A 145 -6.77 29.50 3.08
C GLY A 145 -7.54 30.67 3.66
N LYS A 146 -6.83 31.80 3.84
CA LYS A 146 -7.46 33.06 4.21
C LYS A 146 -8.55 33.45 3.21
N ASP A 147 -9.44 34.35 3.62
CA ASP A 147 -10.56 34.75 2.76
C ASP A 147 -10.08 35.23 1.39
N SER A 148 -8.92 35.88 1.33
CA SER A 148 -8.41 36.42 0.07
C SER A 148 -7.65 35.39 -0.76
N THR A 149 -7.29 34.25 -0.16
CA THR A 149 -6.63 33.15 -0.88
C THR A 149 -7.23 31.85 -0.36
N PRO A 150 -8.52 31.64 -0.61
CA PRO A 150 -9.23 30.53 0.06
C PRO A 150 -8.90 29.19 -0.56
N THR A 151 -9.18 28.15 0.22
CA THR A 151 -9.12 26.78 -0.26
C THR A 151 -10.40 26.47 -1.05
N ALA A 152 -10.25 25.94 -2.26
CA ALA A 152 -11.42 25.58 -3.05
C ALA A 152 -12.17 24.40 -2.44
N ASN A 153 -13.50 24.45 -2.49
CA ASN A 153 -14.28 23.28 -2.12
C ASN A 153 -14.11 22.21 -3.19
N GLY A 154 -14.44 20.98 -2.82
CA GLY A 154 -14.51 19.91 -3.80
C GLY A 154 -13.84 18.65 -3.34
N ILE A 155 -13.83 17.67 -4.25
CA ILE A 155 -13.24 16.36 -4.01
C ILE A 155 -11.85 16.36 -4.61
N TYR A 156 -10.86 16.07 -3.78
CA TYR A 156 -9.45 16.02 -4.16
C TYR A 156 -8.96 14.59 -4.06
N ILE A 157 -8.22 14.13 -5.08
CA ILE A 157 -7.57 12.81 -5.03
C ILE A 157 -6.16 12.98 -4.49
N VAL A 158 -5.80 12.17 -3.49
CA VAL A 158 -4.44 12.22 -2.95
C VAL A 158 -3.45 11.76 -4.03
N GLY A 159 -2.38 12.53 -4.19
CA GLY A 159 -1.31 12.22 -5.13
C GLY A 159 -0.01 11.85 -4.43
N SER A 160 1.06 12.57 -4.78
CA SER A 160 2.39 12.29 -4.25
C SER A 160 2.50 12.78 -2.81
N ARG A 161 3.55 12.30 -2.13
CA ARG A 161 3.83 12.73 -0.76
C ARG A 161 5.32 12.97 -0.61
N TYR A 162 5.66 13.89 0.31
CA TYR A 162 7.05 14.31 0.52
C TYR A 162 7.33 14.42 2.02
N LYS A 163 8.39 13.75 2.48
CA LYS A 163 8.80 13.92 3.87
C LYS A 163 9.21 15.36 4.14
N HIS A 164 9.87 15.99 3.17
CA HIS A 164 10.24 17.39 3.26
C HIS A 164 10.23 18.00 1.87
N ILE A 165 9.75 19.24 1.78
CA ILE A 165 9.73 19.96 0.52
C ILE A 165 9.74 21.46 0.84
N ILE A 166 10.21 22.26 -0.11
CA ILE A 166 10.20 23.71 0.01
C ILE A 166 9.03 24.28 -0.79
N MET A 167 8.21 25.10 -0.15
CA MET A 167 7.16 25.85 -0.83
C MET A 167 7.59 27.30 -0.98
N ASP A 168 7.60 27.78 -2.23
CA ASP A 168 8.26 29.03 -2.60
C ASP A 168 7.36 29.83 -3.55
N SER A 169 6.99 31.05 -3.15
CA SER A 169 6.06 31.86 -3.96
C SER A 169 6.65 32.25 -5.31
N SER A 170 7.98 32.26 -5.43
CA SER A 170 8.56 32.68 -6.69
C SER A 170 8.24 31.71 -7.81
N THR A 171 7.85 30.48 -7.49
CA THR A 171 7.56 29.53 -8.55
C THR A 171 6.31 29.90 -9.34
N TYR A 172 5.45 30.77 -8.79
CA TYR A 172 4.32 31.28 -9.56
C TYR A 172 4.42 32.78 -9.82
N GLY A 173 5.58 33.39 -9.59
CA GLY A 173 5.81 34.77 -9.97
C GLY A 173 5.82 35.83 -8.89
N VAL A 174 5.76 35.46 -7.61
CA VAL A 174 5.81 36.43 -6.54
C VAL A 174 7.17 36.30 -5.86
N PRO A 175 8.04 37.32 -5.93
CA PRO A 175 9.37 37.18 -5.34
C PRO A 175 9.31 36.90 -3.84
N VAL A 176 10.23 36.06 -3.39
CA VAL A 176 10.32 35.75 -1.96
C VAL A 176 10.54 37.01 -1.14
N ASN A 177 11.27 37.98 -1.69
CA ASN A 177 11.63 39.17 -0.93
C ASN A 177 10.47 40.14 -0.75
N SER A 178 9.39 39.99 -1.49
CA SER A 178 8.30 40.95 -1.46
C SER A 178 7.42 40.73 -0.24
N PRO A 179 6.53 41.69 0.05
CA PRO A 179 5.72 41.58 1.27
C PRO A 179 4.87 40.32 1.36
N ASN A 180 4.39 39.81 0.22
CA ASN A 180 3.53 38.64 0.20
C ASN A 180 4.25 37.40 -0.30
N GLY A 181 5.57 37.48 -0.48
CA GLY A 181 6.33 36.31 -0.85
C GLY A 181 6.71 35.46 0.34
N TYR A 182 7.15 34.24 0.05
CA TYR A 182 7.53 33.29 1.09
C TYR A 182 8.43 32.22 0.50
N ARG A 183 9.30 31.68 1.36
CA ARG A 183 10.08 30.47 1.07
C ARG A 183 10.06 29.64 2.34
N THR A 184 9.38 28.50 2.32
CA THR A 184 9.02 27.77 3.53
C THR A 184 9.46 26.31 3.44
N ASP A 185 10.27 25.88 4.41
CA ASP A 185 10.54 24.46 4.62
C ASP A 185 9.32 23.80 5.25
N VAL A 186 8.83 22.73 4.63
CA VAL A 186 7.59 22.07 5.07
C VAL A 186 7.87 20.58 5.22
N ASP A 187 7.40 20.00 6.33
CA ASP A 187 7.49 18.57 6.61
C ASP A 187 6.15 17.89 6.29
N TRP A 188 6.23 16.61 5.90
CA TRP A 188 5.07 15.73 5.86
C TRP A 188 3.96 16.31 4.97
N ALA A 189 4.29 16.47 3.68
CA ALA A 189 3.42 17.15 2.74
C ALA A 189 2.77 16.13 1.84
N THR A 190 1.44 16.06 1.88
CA THR A 190 0.65 15.18 1.02
C THR A 190 -0.05 16.04 -0.02
N GLN A 191 0.27 15.82 -1.30
CA GLN A 191 -0.29 16.63 -2.36
C GLN A 191 -1.71 16.15 -2.67
N ILE A 192 -2.65 17.10 -2.82
CA ILE A 192 -4.02 16.74 -3.15
C ILE A 192 -4.58 17.49 -4.36
N SER A 193 -3.83 18.41 -4.96
CA SER A 193 -4.19 18.94 -6.28
C SER A 193 -2.92 19.25 -7.07
N TYR A 194 -3.03 19.20 -8.40
CA TYR A 194 -1.95 19.71 -9.26
C TYR A 194 -1.76 21.22 -9.08
N SER A 195 -2.82 21.95 -8.80
CA SER A 195 -2.68 23.38 -8.60
C SER A 195 -1.78 23.71 -7.43
N GLY A 196 -1.45 22.71 -6.61
CA GLY A 196 -0.46 22.85 -5.56
C GLY A 196 -1.01 22.78 -4.16
N VAL A 197 -2.24 22.30 -3.96
CA VAL A 197 -2.80 22.18 -2.62
C VAL A 197 -2.21 20.95 -1.94
N PHE A 198 -1.77 21.13 -0.70
CA PHE A 198 -1.20 20.08 0.13
C PHE A 198 -1.85 20.09 1.51
N VAL A 199 -1.92 18.91 2.12
CA VAL A 199 -2.03 18.75 3.56
C VAL A 199 -0.62 18.64 4.09
N HIS A 200 -0.25 19.45 5.09
CA HIS A 200 1.14 19.41 5.52
C HIS A 200 1.28 19.93 6.94
N SER A 201 2.47 19.70 7.49
CA SER A 201 2.80 20.17 8.83
C SER A 201 2.96 21.68 8.84
N ALA A 202 2.38 22.33 9.83
CA ALA A 202 2.44 23.79 9.96
C ALA A 202 2.60 24.12 11.41
N PRO A 203 3.82 23.99 11.95
CA PRO A 203 4.02 24.32 13.37
C PRO A 203 3.68 25.77 13.67
N TRP A 204 3.79 26.65 12.68
CA TRP A 204 3.60 28.06 12.92
C TRP A 204 2.14 28.44 13.10
N SER A 205 1.19 27.56 12.77
CA SER A 205 -0.22 27.92 12.86
C SER A 205 -1.01 27.01 13.80
N VAL A 206 -0.33 26.28 14.69
CA VAL A 206 -1.03 25.32 15.54
C VAL A 206 -2.12 25.99 16.37
N GLY A 207 -1.87 27.19 16.88
CA GLY A 207 -2.91 27.86 17.67
C GLY A 207 -4.10 28.30 16.84
N ALA A 208 -3.91 28.54 15.55
CA ALA A 208 -4.99 28.94 14.67
C ALA A 208 -5.77 27.73 14.16
N GLN A 209 -5.13 26.56 14.12
CA GLN A 209 -5.79 25.38 13.59
C GLN A 209 -7.02 25.06 14.43
N GLY A 210 -8.15 24.81 13.75
CA GLY A 210 -9.40 24.62 14.43
C GLY A 210 -10.15 25.91 14.73
N HIS A 211 -9.61 27.06 14.36
CA HIS A 211 -10.20 28.34 14.73
C HIS A 211 -10.21 29.36 13.60
N THR A 212 -9.05 29.56 12.95
CA THR A 212 -8.89 30.65 12.01
C THR A 212 -8.12 30.15 10.80
N ASN A 213 -8.51 30.62 9.62
CA ASN A 213 -7.82 30.31 8.37
C ASN A 213 -6.69 31.30 8.15
N THR A 214 -5.48 30.79 7.96
CA THR A 214 -4.30 31.63 7.84
C THR A 214 -3.42 31.31 6.64
N SER A 215 -3.77 30.32 5.83
CA SER A 215 -2.84 29.82 4.83
C SER A 215 -3.07 30.47 3.46
N HIS A 216 -2.24 30.08 2.50
CA HIS A 216 -2.43 30.49 1.11
C HIS A 216 -3.36 29.56 0.34
N GLY A 217 -3.95 28.57 1.00
CA GLY A 217 -4.83 27.61 0.36
C GLY A 217 -4.56 26.18 0.80
N CYS A 218 -3.33 25.91 1.23
CA CYS A 218 -2.99 24.59 1.76
C CYS A 218 -3.71 24.31 3.07
N LEU A 219 -3.81 23.03 3.39
CA LEU A 219 -4.46 22.59 4.63
C LEU A 219 -3.38 22.40 5.69
N ASN A 220 -3.22 23.41 6.56
CA ASN A 220 -2.27 23.32 7.66
C ASN A 220 -2.82 22.41 8.75
N VAL A 221 -2.01 21.46 9.23
CA VAL A 221 -2.34 20.67 10.42
C VAL A 221 -1.08 20.57 11.29
N SER A 222 -1.24 19.97 12.46
CA SER A 222 -0.11 19.89 13.39
C SER A 222 0.97 18.97 12.83
N PRO A 223 2.21 19.12 13.29
CA PRO A 223 3.25 18.17 12.84
C PRO A 223 2.87 16.71 13.04
N SER A 224 2.33 16.36 14.21
CA SER A 224 1.95 14.98 14.47
C SER A 224 0.85 14.51 13.52
N ASN A 225 -0.15 15.35 13.30
CA ASN A 225 -1.23 14.94 12.41
C ASN A 225 -0.77 14.89 10.96
N ALA A 226 0.12 15.78 10.55
CA ALA A 226 0.62 15.71 9.18
C ALA A 226 1.44 14.44 8.95
N GLN A 227 2.26 14.05 9.93
CA GLN A 227 3.01 12.81 9.79
C GLN A 227 2.08 11.61 9.76
N TRP A 228 1.05 11.61 10.61
CA TRP A 228 0.07 10.52 10.54
C TRP A 228 -0.55 10.45 9.15
N PHE A 229 -0.93 11.61 8.61
CA PHE A 229 -1.54 11.64 7.29
C PHE A 229 -0.58 11.12 6.22
N TYR A 230 0.68 11.54 6.29
CA TYR A 230 1.71 11.04 5.38
C TYR A 230 1.89 9.53 5.49
N ASP A 231 1.81 8.98 6.70
CA ASP A 231 2.06 7.55 6.91
C ASP A 231 0.87 6.70 6.53
N HIS A 232 -0.36 7.20 6.69
CA HIS A 232 -1.54 6.36 6.60
C HIS A 232 -2.45 6.64 5.41
N VAL A 233 -2.30 7.78 4.74
CA VAL A 233 -3.13 8.13 3.60
C VAL A 233 -2.29 7.90 2.34
N LYS A 234 -2.87 7.22 1.35
CA LYS A 234 -2.14 6.78 0.16
C LYS A 234 -2.72 7.42 -1.09
N ARG A 235 -1.95 7.32 -2.19
CA ARG A 235 -2.40 7.76 -3.49
C ARG A 235 -3.78 7.19 -3.79
N GLY A 236 -4.70 8.07 -4.19
CA GLY A 236 -6.05 7.66 -4.52
C GLY A 236 -7.05 7.78 -3.38
N ASP A 237 -6.59 7.98 -2.15
CA ASP A 237 -7.50 8.33 -1.07
C ASP A 237 -8.09 9.71 -1.37
N ILE A 238 -9.10 10.08 -0.58
CA ILE A 238 -9.94 11.24 -0.89
C ILE A 238 -9.83 12.28 0.22
N VAL A 239 -9.65 13.54 -0.17
CA VAL A 239 -9.88 14.69 0.71
C VAL A 239 -11.04 15.48 0.11
N GLU A 240 -12.09 15.71 0.92
CA GLU A 240 -13.20 16.56 0.48
C GLU A 240 -13.22 17.82 1.31
N VAL A 241 -13.16 18.97 0.64
CA VAL A 241 -13.28 20.27 1.28
C VAL A 241 -14.70 20.77 1.09
N VAL A 242 -15.32 21.25 2.17
CA VAL A 242 -16.68 21.78 2.11
C VAL A 242 -16.77 23.08 2.91
N ASN A 243 -17.67 23.95 2.44
CA ASN A 243 -18.16 25.14 3.14
C ASN A 243 -17.15 26.29 3.23
N THR A 244 -16.09 26.27 2.41
CA THR A 244 -15.20 27.45 2.36
C THR A 244 -15.84 28.55 1.53
N VAL A 245 -15.22 29.73 1.58
CA VAL A 245 -15.63 30.85 0.75
C VAL A 245 -14.98 30.78 -0.63
N GLY A 246 -14.24 29.69 -0.90
CA GLY A 246 -13.65 29.49 -2.20
C GLY A 246 -14.64 28.95 -3.21
N GLY A 247 -14.12 28.70 -4.41
CA GLY A 247 -14.94 28.11 -5.45
C GLY A 247 -14.90 26.60 -5.37
N THR A 248 -14.82 25.95 -6.54
CA THR A 248 -14.73 24.50 -6.64
C THR A 248 -13.47 24.12 -7.41
N LEU A 249 -12.80 23.08 -6.93
CA LEU A 249 -11.61 22.60 -7.62
C LEU A 249 -11.95 22.24 -9.07
N PRO A 250 -11.20 22.69 -10.06
CA PRO A 250 -11.48 22.32 -11.44
C PRO A 250 -11.42 20.82 -11.68
N GLY A 251 -12.39 20.32 -12.46
CA GLY A 251 -12.41 18.90 -12.78
C GLY A 251 -11.19 18.44 -13.56
N ILE A 252 -10.55 19.34 -14.30
CA ILE A 252 -9.36 18.99 -15.09
C ILE A 252 -8.07 19.41 -14.38
N ASP A 253 -8.12 19.63 -13.06
CA ASP A 253 -6.91 19.94 -12.33
C ASP A 253 -5.82 18.91 -12.58
N GLY A 254 -6.18 17.63 -12.65
CA GLY A 254 -5.24 16.53 -12.63
C GLY A 254 -5.58 15.53 -11.53
N LEU A 255 -6.06 16.08 -10.42
CA LEU A 255 -6.56 15.30 -9.29
C LEU A 255 -7.99 15.71 -8.93
N GLY A 256 -8.69 16.37 -9.86
CA GLY A 256 -10.01 16.88 -9.57
C GLY A 256 -11.14 16.11 -10.26
N ASP A 257 -10.84 14.91 -10.76
CA ASP A 257 -11.74 14.17 -11.65
C ASP A 257 -13.16 14.05 -11.09
N TRP A 258 -13.29 13.85 -9.77
CA TRP A 258 -14.60 13.57 -9.20
C TRP A 258 -15.49 14.80 -9.10
N ASN A 259 -14.96 15.99 -9.40
CA ASN A 259 -15.80 17.18 -9.42
C ASN A 259 -16.58 17.34 -10.70
N ILE A 260 -16.29 16.52 -11.70
CA ILE A 260 -17.07 16.50 -12.94
C ILE A 260 -18.27 15.60 -12.69
N PRO A 261 -19.50 16.11 -12.85
CA PRO A 261 -20.68 15.27 -12.65
C PRO A 261 -20.66 14.09 -13.60
N TRP A 262 -21.24 12.98 -13.16
CA TRP A 262 -21.15 11.74 -13.94
C TRP A 262 -21.72 11.91 -15.34
N ASP A 263 -22.85 12.61 -15.47
CA ASP A 263 -23.40 12.72 -16.82
C ASP A 263 -22.46 13.48 -17.75
N GLN A 264 -21.73 14.48 -17.23
CA GLN A 264 -20.74 15.17 -18.04
C GLN A 264 -19.50 14.30 -18.29
N TRP A 265 -19.07 13.54 -17.27
CA TRP A 265 -17.93 12.65 -17.44
C TRP A 265 -18.23 11.60 -18.51
N ARG A 266 -19.35 10.90 -18.36
CA ARG A 266 -19.65 9.83 -19.30
C ARG A 266 -19.90 10.38 -20.70
N ALA A 267 -20.51 11.57 -20.80
CA ALA A 267 -20.66 12.17 -22.11
C ALA A 267 -19.31 12.28 -22.80
N GLY A 268 -18.26 12.46 -22.01
CA GLY A 268 -16.93 12.42 -22.58
C GLY A 268 -16.69 13.63 -23.47
N ASN A 269 -15.57 13.57 -24.16
CA ASN A 269 -15.15 14.61 -25.08
C ASN A 269 -14.31 14.03 -26.20
N LEU B 5 12.81 -35.01 -20.02
CA LEU B 5 13.09 -33.60 -19.83
C LEU B 5 13.43 -32.92 -21.15
N THR B 6 12.62 -31.92 -21.53
CA THR B 6 12.89 -31.11 -22.70
C THR B 6 13.74 -29.92 -22.30
N PHE B 7 14.73 -29.58 -23.13
CA PHE B 7 15.61 -28.47 -22.83
C PHE B 7 14.95 -27.19 -23.32
N GLN B 8 14.94 -26.16 -22.47
CA GLN B 8 14.48 -24.84 -22.83
C GLN B 8 15.67 -23.95 -23.18
N THR B 9 15.53 -23.15 -24.22
CA THR B 9 16.66 -22.34 -24.67
C THR B 9 16.68 -21.02 -23.90
N SER B 10 17.81 -20.76 -23.25
CA SER B 10 18.07 -19.58 -22.45
C SER B 10 18.49 -18.39 -23.32
N SER B 11 18.29 -17.19 -22.77
CA SER B 11 18.66 -15.95 -23.41
C SER B 11 19.14 -15.03 -22.30
N PRO B 12 20.18 -14.24 -22.55
CA PRO B 12 20.70 -13.37 -21.48
C PRO B 12 19.76 -12.22 -21.17
N ALA B 13 19.58 -11.99 -19.86
CA ALA B 13 18.72 -10.93 -19.34
C ALA B 13 17.27 -11.35 -19.26
N HIS B 14 16.86 -12.33 -20.07
CA HIS B 14 15.47 -12.76 -20.18
C HIS B 14 15.12 -13.96 -19.29
N LEU B 15 15.80 -14.13 -18.16
CA LEU B 15 15.48 -15.23 -17.25
C LEU B 15 15.11 -14.71 -15.85
N THR B 16 14.21 -15.43 -15.19
CA THR B 16 13.90 -15.16 -13.78
C THR B 16 13.85 -16.47 -13.02
N MET B 17 14.37 -16.46 -11.79
CA MET B 17 14.46 -17.62 -10.92
C MET B 17 13.41 -17.51 -9.82
N PRO B 18 12.63 -18.56 -9.59
CA PRO B 18 11.73 -18.55 -8.44
C PRO B 18 12.46 -18.98 -7.18
N TYR B 19 12.00 -18.46 -6.05
CA TYR B 19 12.50 -18.83 -4.72
C TYR B 19 11.29 -19.14 -3.86
N VAL B 20 11.23 -20.35 -3.33
CA VAL B 20 10.04 -20.84 -2.63
C VAL B 20 10.31 -20.89 -1.13
N MET B 21 9.29 -20.56 -0.35
CA MET B 21 9.28 -20.66 1.10
C MET B 21 7.97 -21.31 1.52
N PRO B 22 7.94 -22.00 2.66
CA PRO B 22 9.05 -22.20 3.60
C PRO B 22 10.07 -23.24 3.13
N GLY B 23 11.07 -23.48 3.97
CA GLY B 23 12.15 -24.37 3.60
C GLY B 23 11.73 -25.82 3.47
N ASP B 24 12.43 -26.53 2.59
CA ASP B 24 12.16 -27.93 2.34
C ASP B 24 12.36 -28.76 3.61
N GLY B 25 11.34 -29.52 4.00
CA GLY B 25 11.42 -30.36 5.17
C GLY B 25 11.13 -29.66 6.48
N GLU B 26 10.84 -28.37 6.45
CA GLU B 26 10.62 -27.63 7.68
C GLU B 26 9.25 -27.95 8.28
N VAL B 27 9.16 -27.80 9.60
CA VAL B 27 7.90 -27.72 10.31
C VAL B 27 7.63 -26.24 10.58
N VAL B 28 6.43 -25.77 10.19
CA VAL B 28 6.07 -24.36 10.33
C VAL B 28 4.72 -24.25 11.04
N GLY B 29 4.42 -23.04 11.53
CA GLY B 29 3.19 -22.80 12.23
C GLY B 29 1.97 -22.69 11.32
N VAL B 30 0.80 -22.59 11.96
CA VAL B 30 -0.48 -22.70 11.25
C VAL B 30 -0.79 -21.47 10.40
N GLY B 31 -0.02 -20.41 10.54
CA GLY B 31 -0.20 -19.22 9.73
C GLY B 31 0.72 -19.11 8.53
N GLU B 32 1.54 -20.13 8.24
CA GLU B 32 2.57 -19.96 7.22
C GLU B 32 1.99 -20.07 5.81
N PRO B 33 2.03 -19.03 5.00
CA PRO B 33 1.62 -19.18 3.60
C PRO B 33 2.73 -19.82 2.78
N VAL B 34 2.33 -20.44 1.66
CA VAL B 34 3.33 -20.76 0.64
C VAL B 34 3.70 -19.47 -0.06
N ALA B 35 4.99 -19.28 -0.31
CA ALA B 35 5.47 -18.07 -0.96
C ALA B 35 6.36 -18.45 -2.12
N ILE B 36 6.08 -17.86 -3.29
CA ILE B 36 6.97 -17.97 -4.44
C ILE B 36 7.38 -16.55 -4.83
N ARG B 37 8.65 -16.24 -4.62
CA ARG B 37 9.21 -14.93 -4.93
C ARG B 37 10.17 -15.06 -6.10
N PHE B 38 9.98 -14.23 -7.12
CA PHE B 38 10.85 -14.25 -8.29
C PHE B 38 11.88 -13.14 -8.19
N ASP B 39 13.03 -13.33 -8.84
CA ASP B 39 14.06 -12.30 -8.79
C ASP B 39 13.85 -11.21 -9.86
N GLU B 40 12.71 -11.25 -10.54
CA GLU B 40 12.28 -10.21 -11.46
C GLU B 40 10.79 -9.96 -11.23
N ASN B 41 10.32 -8.80 -11.69
CA ASN B 41 8.88 -8.56 -11.73
C ASN B 41 8.21 -9.49 -12.73
N ILE B 42 7.02 -9.95 -12.39
CA ILE B 42 6.28 -10.91 -13.21
C ILE B 42 5.15 -10.19 -13.93
N ALA B 43 5.24 -10.14 -15.26
CA ALA B 43 4.21 -9.47 -16.05
C ALA B 43 2.97 -10.33 -16.24
N ASP B 44 3.13 -11.64 -16.36
CA ASP B 44 2.00 -12.55 -16.60
C ASP B 44 1.78 -13.38 -15.33
N ARG B 45 1.01 -12.80 -14.40
CA ARG B 45 0.72 -13.47 -13.14
C ARG B 45 -0.04 -14.77 -13.35
N GLY B 46 -0.96 -14.79 -14.32
CA GLY B 46 -1.72 -16.01 -14.57
C GLY B 46 -0.84 -17.16 -15.00
N ALA B 47 0.19 -16.87 -15.81
CA ALA B 47 1.09 -17.94 -16.23
C ALA B 47 1.89 -18.47 -15.05
N ALA B 48 2.31 -17.59 -14.14
CA ALA B 48 3.03 -18.05 -12.97
C ALA B 48 2.15 -18.93 -12.08
N GLU B 49 0.90 -18.51 -11.84
CA GLU B 49 0.00 -19.32 -11.02
C GLU B 49 -0.27 -20.67 -11.65
N LYS B 50 -0.48 -20.70 -12.97
CA LYS B 50 -0.75 -21.95 -13.66
C LYS B 50 0.41 -22.92 -13.52
N ALA B 51 1.63 -22.41 -13.43
CA ALA B 51 2.83 -23.24 -13.34
C ALA B 51 3.10 -23.74 -11.92
N ILE B 52 2.34 -23.30 -10.93
CA ILE B 52 2.61 -23.64 -9.53
C ILE B 52 1.53 -24.58 -9.02
N LYS B 53 1.93 -25.80 -8.63
CA LYS B 53 0.99 -26.83 -8.19
C LYS B 53 1.19 -27.08 -6.70
N ILE B 54 0.20 -26.72 -5.91
CA ILE B 54 0.25 -26.91 -4.46
C ILE B 54 -0.76 -27.99 -4.10
N THR B 55 -0.30 -29.01 -3.38
CA THR B 55 -1.18 -30.08 -2.95
C THR B 55 -1.05 -30.24 -1.43
N THR B 56 -2.15 -30.61 -0.78
CA THR B 56 -2.23 -30.64 0.67
C THR B 56 -2.86 -31.95 1.14
N ASN B 57 -2.44 -32.42 2.31
CA ASN B 57 -3.02 -33.61 2.89
C ASN B 57 -3.04 -33.48 4.42
N PRO B 58 -4.22 -33.44 5.06
CA PRO B 58 -5.56 -33.48 4.43
C PRO B 58 -5.80 -32.33 3.46
N PRO B 59 -6.58 -32.58 2.42
CA PRO B 59 -6.77 -31.58 1.38
C PRO B 59 -7.59 -30.41 1.89
N VAL B 60 -7.14 -29.20 1.56
CA VAL B 60 -7.86 -27.99 1.92
C VAL B 60 -7.82 -27.03 0.75
N GLU B 61 -8.91 -26.28 0.60
CA GLU B 61 -8.98 -25.28 -0.45
C GLU B 61 -8.05 -24.11 -0.13
N GLY B 62 -7.39 -23.57 -1.16
CA GLY B 62 -6.59 -22.39 -0.97
C GLY B 62 -6.50 -21.63 -2.27
N ALA B 63 -5.80 -20.49 -2.24
CA ALA B 63 -5.77 -19.63 -3.42
C ALA B 63 -4.57 -18.71 -3.39
N PHE B 64 -4.18 -18.23 -4.58
CA PHE B 64 -3.05 -17.31 -4.77
C PHE B 64 -3.47 -15.85 -4.64
N TYR B 65 -2.57 -15.06 -4.05
CA TYR B 65 -2.73 -13.60 -4.03
C TYR B 65 -1.34 -12.96 -4.10
N TRP B 66 -1.18 -11.96 -4.96
CA TRP B 66 0.11 -11.30 -5.14
C TRP B 66 0.26 -10.13 -4.17
N LEU B 67 1.32 -10.16 -3.35
CA LEU B 67 1.59 -9.05 -2.45
C LEU B 67 2.15 -7.85 -3.21
N ASN B 68 2.83 -8.11 -4.31
CA ASN B 68 3.51 -7.11 -5.12
C ASN B 68 3.90 -7.79 -6.43
N ASN B 69 4.68 -7.11 -7.25
CA ASN B 69 5.00 -7.67 -8.56
C ASN B 69 6.00 -8.80 -8.50
N ARG B 70 6.61 -9.04 -7.34
CA ARG B 70 7.68 -10.03 -7.24
C ARG B 70 7.25 -11.30 -6.54
N GLU B 71 6.19 -11.25 -5.72
CA GLU B 71 5.94 -12.36 -4.82
C GLU B 71 4.46 -12.71 -4.73
N VAL B 72 4.16 -13.99 -4.93
CA VAL B 72 2.80 -14.52 -4.82
C VAL B 72 2.73 -15.42 -3.60
N ARG B 73 1.58 -15.40 -2.92
CA ARG B 73 1.33 -16.20 -1.73
C ARG B 73 0.15 -17.12 -1.98
N TRP B 74 0.17 -18.30 -1.34
CA TRP B 74 -0.96 -19.23 -1.37
C TRP B 74 -1.28 -19.64 0.06
N ARG B 75 -2.56 -19.60 0.43
CA ARG B 75 -2.96 -20.03 1.76
C ARG B 75 -4.40 -20.49 1.72
N PRO B 76 -4.84 -21.25 2.72
CA PRO B 76 -6.27 -21.55 2.91
C PRO B 76 -7.00 -20.36 3.50
N GLU B 77 -8.32 -20.53 3.63
CA GLU B 77 -9.18 -19.51 4.23
C GLU B 77 -8.89 -19.35 5.71
N HIS B 78 -8.69 -20.46 6.41
CA HIS B 78 -8.38 -20.43 7.83
C HIS B 78 -6.99 -21.00 8.07
N PHE B 79 -6.48 -20.78 9.28
CA PHE B 79 -5.18 -21.30 9.65
C PHE B 79 -5.11 -22.79 9.33
N TRP B 80 -3.92 -23.27 8.99
CA TRP B 80 -3.74 -24.68 8.70
C TRP B 80 -4.12 -25.55 9.88
N LYS B 81 -4.62 -26.74 9.58
CA LYS B 81 -4.77 -27.78 10.59
C LYS B 81 -3.40 -28.38 10.94
N PRO B 82 -3.03 -28.44 12.21
CA PRO B 82 -1.77 -29.10 12.58
C PRO B 82 -1.66 -30.49 11.98
N GLY B 83 -0.46 -30.83 11.52
CA GLY B 83 -0.18 -32.12 10.92
C GLY B 83 -0.33 -32.16 9.42
N THR B 84 -0.92 -31.12 8.81
CA THR B 84 -1.08 -31.07 7.37
C THR B 84 0.27 -31.13 6.67
N ALA B 85 0.36 -31.94 5.63
CA ALA B 85 1.53 -32.00 4.76
C ALA B 85 1.28 -31.20 3.50
N VAL B 86 2.25 -30.39 3.09
CA VAL B 86 2.09 -29.52 1.93
C VAL B 86 3.22 -29.80 0.96
N ASP B 87 2.87 -29.96 -0.31
CA ASP B 87 3.83 -30.18 -1.38
C ASP B 87 3.69 -29.05 -2.39
N VAL B 88 4.82 -28.44 -2.79
CA VAL B 88 4.82 -27.29 -3.69
C VAL B 88 5.70 -27.62 -4.89
N ALA B 89 5.11 -27.65 -6.08
CA ALA B 89 5.85 -27.88 -7.32
C ALA B 89 5.78 -26.59 -8.14
N VAL B 90 6.88 -25.85 -8.20
CA VAL B 90 6.97 -24.63 -8.98
C VAL B 90 7.55 -25.02 -10.33
N ASN B 91 6.69 -25.27 -11.30
CA ASN B 91 7.10 -25.85 -12.58
C ASN B 91 7.27 -24.75 -13.63
N THR B 92 8.17 -23.83 -13.32
CA THR B 92 8.34 -22.61 -14.11
C THR B 92 9.42 -22.72 -15.19
N TYR B 93 10.13 -23.84 -15.27
CA TYR B 93 11.18 -23.97 -16.30
C TYR B 93 10.62 -23.77 -17.69
N GLY B 94 11.13 -22.75 -18.38
CA GLY B 94 10.74 -22.45 -19.74
C GLY B 94 9.38 -21.81 -19.90
N VAL B 95 8.72 -21.46 -18.81
CA VAL B 95 7.41 -20.82 -18.90
C VAL B 95 7.59 -19.36 -19.26
N ASP B 96 6.80 -18.90 -20.23
CA ASP B 96 6.76 -17.50 -20.61
C ASP B 96 5.99 -16.72 -19.56
N LEU B 97 6.72 -15.94 -18.76
CA LEU B 97 6.12 -15.15 -17.68
C LEU B 97 5.83 -13.72 -18.10
N GLY B 98 5.85 -13.43 -19.40
CA GLY B 98 5.45 -12.13 -19.88
C GLY B 98 6.62 -11.22 -20.22
N GLU B 99 6.48 -10.42 -21.28
CA GLU B 99 7.46 -9.39 -21.64
C GLU B 99 8.85 -9.98 -21.86
N GLY B 100 8.89 -11.17 -22.45
CA GLY B 100 10.15 -11.80 -22.79
C GLY B 100 10.88 -12.46 -21.65
N MET B 101 10.28 -12.52 -20.46
CA MET B 101 10.89 -13.13 -19.29
C MET B 101 10.44 -14.58 -19.17
N PHE B 102 11.40 -15.50 -19.06
CA PHE B 102 11.11 -16.92 -18.99
C PHE B 102 11.60 -17.51 -17.67
N GLY B 103 10.87 -18.51 -17.17
CA GLY B 103 11.28 -19.18 -15.96
C GLY B 103 12.59 -19.94 -16.16
N GLU B 104 13.54 -19.72 -15.25
CA GLU B 104 14.87 -20.29 -15.40
C GLU B 104 14.97 -21.74 -14.93
N ASP B 105 14.11 -22.18 -14.03
CA ASP B 105 14.24 -23.52 -13.47
C ASP B 105 12.95 -23.84 -12.75
N ASN B 106 12.81 -25.12 -12.39
CA ASN B 106 11.79 -25.57 -11.45
C ASN B 106 12.35 -25.58 -10.05
N VAL B 107 11.48 -25.42 -9.06
CA VAL B 107 11.84 -25.57 -7.67
C VAL B 107 10.69 -26.28 -6.96
N GLN B 108 11.01 -26.85 -5.81
CA GLN B 108 9.98 -27.54 -5.03
C GLN B 108 10.31 -27.44 -3.55
N THR B 109 9.26 -27.53 -2.74
CA THR B 109 9.43 -27.67 -1.31
C THR B 109 8.36 -28.62 -0.82
N HIS B 110 8.65 -29.31 0.27
CA HIS B 110 7.67 -30.07 1.02
C HIS B 110 7.80 -29.63 2.46
N PHE B 111 6.68 -29.40 3.13
CA PHE B 111 6.77 -29.06 4.55
C PHE B 111 5.54 -29.57 5.28
N THR B 112 5.56 -29.44 6.61
CA THR B 112 4.45 -29.86 7.43
C THR B 112 4.11 -28.77 8.43
N ILE B 113 2.86 -28.83 8.91
CA ILE B 113 2.34 -27.87 9.87
C ILE B 113 2.48 -28.44 11.26
N GLY B 114 3.09 -27.66 12.18
CA GLY B 114 3.24 -28.02 13.57
C GLY B 114 2.02 -27.70 14.42
N ASP B 115 2.25 -27.60 15.73
CA ASP B 115 1.17 -27.24 16.64
C ASP B 115 0.61 -25.86 16.33
N GLU B 116 -0.63 -25.64 16.76
CA GLU B 116 -1.28 -24.33 16.66
C GLU B 116 -0.77 -23.46 17.79
N VAL B 117 -0.02 -22.41 17.45
CA VAL B 117 0.58 -21.51 18.42
C VAL B 117 0.12 -20.10 18.09
N ILE B 118 -0.70 -19.52 18.97
CA ILE B 118 -1.28 -18.21 18.76
C ILE B 118 -0.99 -17.39 20.01
N ALA B 119 -0.25 -16.30 19.83
CA ALA B 119 0.09 -15.39 20.93
C ALA B 119 -0.73 -14.13 20.75
N THR B 120 -1.53 -13.79 21.75
CA THR B 120 -2.42 -12.63 21.67
C THR B 120 -1.86 -11.54 22.57
N ALA B 121 -1.55 -10.40 21.97
CA ALA B 121 -1.11 -9.22 22.71
C ALA B 121 -2.31 -8.31 22.87
N ASP B 122 -2.84 -8.21 24.09
CA ASP B 122 -4.06 -7.45 24.33
C ASP B 122 -3.68 -6.13 24.98
N ASP B 123 -3.86 -5.04 24.24
CA ASP B 123 -3.48 -3.74 24.77
C ASP B 123 -4.31 -3.35 25.99
N ASN B 124 -5.51 -3.92 26.15
CA ASN B 124 -6.32 -3.57 27.31
C ASN B 124 -5.71 -4.08 28.61
N THR B 125 -5.00 -5.21 28.56
CA THR B 125 -4.34 -5.78 29.74
C THR B 125 -2.84 -5.63 29.73
N LYS B 126 -2.23 -5.33 28.57
CA LYS B 126 -0.78 -5.29 28.42
C LYS B 126 -0.16 -6.66 28.71
N ILE B 127 -0.87 -7.72 28.37
CA ILE B 127 -0.36 -9.08 28.51
C ILE B 127 -0.34 -9.72 27.14
N LEU B 128 0.76 -10.41 26.83
CA LEU B 128 0.92 -11.23 25.64
C LEU B 128 0.76 -12.69 26.09
N THR B 129 -0.32 -13.33 25.69
CA THR B 129 -0.63 -14.70 26.15
C THR B 129 -0.39 -15.67 25.00
N VAL B 130 0.45 -16.67 25.25
CA VAL B 130 0.78 -17.67 24.23
C VAL B 130 -0.07 -18.91 24.49
N ARG B 131 -0.86 -19.31 23.49
CA ARG B 131 -1.69 -20.51 23.58
C ARG B 131 -1.19 -21.53 22.56
N VAL B 132 -0.99 -22.77 23.04
CA VAL B 132 -0.57 -23.88 22.19
C VAL B 132 -1.73 -24.87 22.15
N ASN B 133 -2.29 -25.08 20.95
CA ASN B 133 -3.46 -25.92 20.77
C ASN B 133 -4.54 -25.57 21.80
N GLY B 134 -4.74 -24.27 22.03
CA GLY B 134 -5.80 -23.78 22.87
C GLY B 134 -5.44 -23.61 24.33
N GLU B 135 -4.30 -24.12 24.77
CA GLU B 135 -3.89 -24.10 26.17
C GLU B 135 -2.91 -22.97 26.42
N VAL B 136 -3.14 -22.18 27.47
CA VAL B 136 -2.20 -21.12 27.85
C VAL B 136 -0.92 -21.77 28.36
N VAL B 137 0.21 -21.41 27.77
CA VAL B 137 1.51 -21.87 28.23
C VAL B 137 2.39 -20.73 28.76
N LYS B 138 2.10 -19.48 28.42
CA LYS B 138 2.88 -18.33 28.87
C LYS B 138 2.00 -17.09 28.88
N SER B 139 2.21 -16.26 29.91
CA SER B 139 1.59 -14.94 30.04
C SER B 139 2.71 -13.93 30.27
N MET B 140 2.95 -13.06 29.30
CA MET B 140 4.12 -12.17 29.32
C MET B 140 3.67 -10.72 29.45
N PRO B 141 4.02 -9.98 30.51
CA PRO B 141 3.81 -8.54 30.47
C PRO B 141 4.50 -7.92 29.26
N THR B 142 3.83 -6.97 28.61
CA THR B 142 4.41 -6.33 27.43
C THR B 142 4.18 -4.82 27.49
N SER B 143 5.04 -4.10 26.76
CA SER B 143 4.88 -2.67 26.53
C SER B 143 4.93 -2.48 25.03
N MET B 144 3.82 -1.99 24.46
CA MET B 144 3.72 -1.83 23.01
C MET B 144 3.95 -0.37 22.66
N GLY B 145 3.59 0.03 21.44
CA GLY B 145 3.96 1.37 20.98
C GLY B 145 3.21 2.45 21.75
N LYS B 146 3.93 3.53 22.07
CA LYS B 146 3.27 4.69 22.65
C LYS B 146 2.19 5.25 21.70
N ASP B 147 1.28 6.07 22.26
CA ASP B 147 0.16 6.55 21.46
C ASP B 147 0.60 7.24 20.17
N SER B 148 1.75 7.90 20.16
CA SER B 148 2.21 8.60 18.95
C SER B 148 2.93 7.67 17.97
N THR B 149 3.33 6.47 18.42
CA THR B 149 3.94 5.47 17.55
C THR B 149 3.35 4.13 17.94
N PRO B 150 2.06 3.93 17.68
CA PRO B 150 1.35 2.76 18.23
C PRO B 150 1.63 1.49 17.44
N THR B 151 1.36 0.36 18.10
CA THR B 151 1.39 -0.93 17.45
C THR B 151 0.08 -1.16 16.71
N ALA B 152 0.17 -1.52 15.43
CA ALA B 152 -1.04 -1.76 14.66
C ALA B 152 -1.73 -3.04 15.15
N ASN B 153 -3.06 -3.00 15.19
CA ASN B 153 -3.80 -4.22 15.46
C ASN B 153 -3.72 -5.15 14.25
N GLY B 154 -3.99 -6.43 14.50
CA GLY B 154 -4.12 -7.37 13.40
C GLY B 154 -3.43 -8.68 13.62
N ILE B 155 -3.49 -9.53 12.60
CA ILE B 155 -2.85 -10.85 12.63
C ILE B 155 -1.49 -10.74 11.98
N TYR B 156 -0.46 -11.10 12.72
CA TYR B 156 0.93 -11.10 12.25
C TYR B 156 1.45 -12.53 12.17
N ILE B 157 2.14 -12.85 11.08
CA ILE B 157 2.80 -14.14 10.93
C ILE B 157 4.23 -14.02 11.44
N VAL B 158 4.65 -14.96 12.29
CA VAL B 158 6.02 -14.97 12.80
C VAL B 158 6.97 -15.31 11.66
N GLY B 159 8.04 -14.52 11.55
CA GLY B 159 9.08 -14.71 10.56
C GLY B 159 10.39 -15.16 11.16
N SER B 160 11.47 -14.43 10.87
CA SER B 160 12.82 -14.79 11.32
C SER B 160 13.03 -14.42 12.78
N ARG B 161 14.10 -14.98 13.35
CA ARG B 161 14.47 -14.70 14.73
C ARG B 161 15.97 -14.42 14.80
N TYR B 162 16.34 -13.60 15.78
CA TYR B 162 17.71 -13.13 15.96
C TYR B 162 18.08 -13.18 17.43
N LYS B 163 19.22 -13.81 17.73
CA LYS B 163 19.75 -13.71 19.09
C LYS B 163 20.12 -12.26 19.43
N HIS B 164 20.60 -11.52 18.44
CA HIS B 164 20.92 -10.10 18.59
C HIS B 164 20.69 -9.41 17.25
N ILE B 165 20.19 -8.18 17.30
CA ILE B 165 19.96 -7.38 16.09
C ILE B 165 20.11 -5.91 16.47
N ILE B 166 20.47 -5.09 15.48
CA ILE B 166 20.62 -3.64 15.66
C ILE B 166 19.39 -2.95 15.11
N MET B 167 18.75 -2.13 15.94
CA MET B 167 17.64 -1.30 15.50
C MET B 167 18.21 0.08 15.26
N ASP B 168 18.18 0.54 14.01
CA ASP B 168 18.88 1.75 13.61
C ASP B 168 17.90 2.58 12.82
N SER B 169 17.54 3.75 13.36
CA SER B 169 16.50 4.56 12.75
C SER B 169 16.88 5.05 11.37
N SER B 170 18.17 5.08 11.04
CA SER B 170 18.58 5.64 9.75
C SER B 170 18.10 4.78 8.58
N THR B 171 17.93 3.47 8.77
CA THR B 171 17.39 2.68 7.67
C THR B 171 15.91 2.97 7.46
N TYR B 172 15.27 3.67 8.40
CA TYR B 172 13.89 4.10 8.25
C TYR B 172 13.79 5.60 7.99
N GLY B 173 14.91 6.26 7.72
CA GLY B 173 14.91 7.63 7.26
C GLY B 173 15.13 8.66 8.34
N VAL B 174 15.34 8.25 9.59
CA VAL B 174 15.54 9.17 10.70
C VAL B 174 16.99 9.08 11.13
N PRO B 175 17.79 10.13 10.96
CA PRO B 175 19.21 10.05 11.36
C PRO B 175 19.33 9.75 12.84
N VAL B 176 20.31 8.91 13.18
CA VAL B 176 20.54 8.57 14.58
C VAL B 176 20.76 9.83 15.40
N ASN B 177 21.39 10.85 14.80
CA ASN B 177 21.77 12.07 15.51
C ASN B 177 20.59 12.96 15.85
N SER B 178 19.42 12.74 15.27
CA SER B 178 18.28 13.62 15.51
C SER B 178 17.65 13.32 16.86
N PRO B 179 16.75 14.19 17.32
CA PRO B 179 16.15 13.98 18.65
C PRO B 179 15.43 12.64 18.77
N ASN B 180 14.85 12.13 17.69
CA ASN B 180 14.12 10.88 17.71
C ASN B 180 14.86 9.75 16.99
N GLY B 181 16.12 9.95 16.63
CA GLY B 181 16.90 8.87 16.05
C GLY B 181 17.47 7.94 17.10
N TYR B 182 17.85 6.73 16.66
CA TYR B 182 18.32 5.73 17.60
C TYR B 182 19.13 4.66 16.88
N ARG B 183 20.07 4.07 17.62
CA ARG B 183 20.76 2.86 17.19
C ARG B 183 20.84 1.97 18.42
N THR B 184 20.04 0.90 18.43
CA THR B 184 19.72 0.16 19.64
C THR B 184 20.13 -1.29 19.47
N ASP B 185 20.96 -1.77 20.39
CA ASP B 185 21.30 -3.20 20.53
C ASP B 185 20.14 -3.93 21.18
N VAL B 186 19.64 -4.97 20.52
CA VAL B 186 18.45 -5.70 20.96
C VAL B 186 18.75 -7.20 20.97
N ASP B 187 18.37 -7.88 22.06
CA ASP B 187 18.51 -9.32 22.20
C ASP B 187 17.18 -10.02 21.94
N TRP B 188 17.26 -11.25 21.45
CA TRP B 188 16.12 -12.18 21.42
C TRP B 188 14.93 -11.56 20.70
N ALA B 189 15.14 -11.26 19.42
CA ALA B 189 14.18 -10.53 18.59
C ALA B 189 13.51 -11.47 17.61
N THR B 190 12.20 -11.58 17.70
CA THR B 190 11.40 -12.37 16.76
C THR B 190 10.62 -11.41 15.86
N GLN B 191 10.86 -11.51 14.55
CA GLN B 191 10.22 -10.59 13.60
C GLN B 191 8.78 -11.01 13.35
N ILE B 192 7.87 -10.04 13.36
CA ILE B 192 6.47 -10.32 13.04
C ILE B 192 5.89 -9.43 11.96
N SER B 193 6.63 -8.44 11.44
CA SER B 193 6.23 -7.77 10.22
C SER B 193 7.45 -7.34 9.42
N TYR B 194 7.29 -7.31 8.10
CA TYR B 194 8.37 -6.75 7.27
C TYR B 194 8.58 -5.28 7.57
N SER B 195 7.50 -4.56 7.96
CA SER B 195 7.63 -3.15 8.29
C SER B 195 8.54 -2.91 9.48
N GLY B 196 8.89 -3.96 10.23
CA GLY B 196 9.88 -3.83 11.29
C GLY B 196 9.39 -4.07 12.71
N VAL B 197 8.19 -4.63 12.89
CA VAL B 197 7.71 -4.95 14.22
C VAL B 197 8.33 -6.28 14.67
N PHE B 198 8.87 -6.28 15.89
CA PHE B 198 9.47 -7.45 16.52
C PHE B 198 8.92 -7.61 17.93
N VAL B 199 8.90 -8.86 18.40
CA VAL B 199 8.85 -9.15 19.84
C VAL B 199 10.29 -9.25 20.30
N HIS B 200 10.69 -8.50 21.33
CA HIS B 200 12.09 -8.58 21.71
C HIS B 200 12.30 -8.17 23.16
N SER B 201 13.51 -8.45 23.62
CA SER B 201 13.90 -8.10 24.98
C SER B 201 14.09 -6.59 25.11
N ALA B 202 13.54 -6.03 26.19
CA ALA B 202 13.67 -4.60 26.45
C ALA B 202 13.82 -4.38 27.95
N PRO B 203 15.01 -4.60 28.49
CA PRO B 203 15.21 -4.36 29.93
C PRO B 203 14.88 -2.95 30.34
N TRP B 204 14.96 -2.00 29.41
CA TRP B 204 14.70 -0.59 29.71
C TRP B 204 13.23 -0.25 29.88
N SER B 205 12.30 -1.18 29.60
CA SER B 205 10.89 -0.91 29.81
C SER B 205 10.23 -1.94 30.75
N VAL B 206 11.03 -2.67 31.53
CA VAL B 206 10.48 -3.72 32.38
C VAL B 206 9.41 -3.17 33.34
N GLY B 207 9.61 -1.97 33.87
CA GLY B 207 8.63 -1.41 34.79
C GLY B 207 7.33 -1.03 34.12
N ALA B 208 7.39 -0.70 32.82
CA ALA B 208 6.21 -0.35 32.05
C ALA B 208 5.49 -1.57 31.50
N GLN B 209 6.21 -2.68 31.32
CA GLN B 209 5.58 -3.87 30.75
C GLN B 209 4.45 -4.33 31.67
N GLY B 210 3.29 -4.58 31.08
CA GLY B 210 2.10 -4.88 31.86
C GLY B 210 1.31 -3.67 32.32
N HIS B 211 1.77 -2.45 32.01
CA HIS B 211 1.15 -1.25 32.55
C HIS B 211 0.98 -0.12 31.53
N THR B 212 2.05 0.24 30.83
CA THR B 212 2.06 1.40 29.95
C THR B 212 2.85 1.09 28.69
N ASN B 213 2.42 1.69 27.58
CA ASN B 213 3.11 1.56 26.31
C ASN B 213 4.20 2.62 26.17
N THR B 214 5.43 2.17 25.88
CA THR B 214 6.58 3.05 25.78
C THR B 214 7.41 2.85 24.51
N SER B 215 7.03 1.91 23.63
CA SER B 215 7.93 1.54 22.54
C SER B 215 7.62 2.34 21.28
N HIS B 216 8.39 2.08 20.22
CA HIS B 216 8.16 2.67 18.92
C HIS B 216 7.16 1.86 18.08
N GLY B 217 6.58 0.80 18.64
CA GLY B 217 5.67 -0.08 17.93
C GLY B 217 5.98 -1.54 18.19
N CYS B 218 7.24 -1.83 18.52
CA CYS B 218 7.64 -3.20 18.84
C CYS B 218 6.98 -3.68 20.13
N LEU B 219 6.93 -5.00 20.28
CA LEU B 219 6.38 -5.63 21.50
C LEU B 219 7.53 -5.89 22.45
N ASN B 220 7.72 -4.97 23.40
CA ASN B 220 8.75 -5.13 24.44
C ASN B 220 8.31 -6.16 25.48
N VAL B 221 9.17 -7.12 25.79
CA VAL B 221 8.96 -8.04 26.90
C VAL B 221 10.29 -8.18 27.66
N SER B 222 10.25 -8.91 28.77
CA SER B 222 11.45 -9.09 29.57
C SER B 222 12.51 -9.89 28.83
N PRO B 223 13.78 -9.76 29.21
CA PRO B 223 14.81 -10.61 28.60
C PRO B 223 14.46 -12.09 28.62
N SER B 224 14.02 -12.59 29.78
CA SER B 224 13.69 -14.00 29.91
C SER B 224 12.54 -14.40 29.00
N ASN B 225 11.51 -13.56 28.94
CA ASN B 225 10.37 -13.90 28.10
C ASN B 225 10.71 -13.80 26.62
N ALA B 226 11.56 -12.84 26.24
CA ALA B 226 11.96 -12.74 24.84
C ALA B 226 12.78 -13.94 24.42
N GLN B 227 13.68 -14.41 25.31
CA GLN B 227 14.42 -15.62 25.03
C GLN B 227 13.48 -16.83 24.91
N TRP B 228 12.49 -16.91 25.79
CA TRP B 228 11.48 -17.97 25.68
C TRP B 228 10.78 -17.91 24.33
N PHE B 229 10.37 -16.71 23.91
CA PHE B 229 9.69 -16.56 22.64
C PHE B 229 10.59 -16.98 21.48
N TYR B 230 11.86 -16.61 21.53
CA TYR B 230 12.84 -17.02 20.53
C TYR B 230 12.93 -18.55 20.45
N ASP B 231 12.87 -19.22 21.59
CA ASP B 231 13.07 -20.67 21.65
C ASP B 231 11.83 -21.45 21.27
N HIS B 232 10.65 -20.92 21.55
CA HIS B 232 9.44 -21.72 21.48
C HIS B 232 8.44 -21.32 20.40
N VAL B 233 8.56 -20.12 19.84
CA VAL B 233 7.69 -19.68 18.77
C VAL B 233 8.48 -19.76 17.46
N LYS B 234 7.88 -20.35 16.44
CA LYS B 234 8.58 -20.65 15.20
C LYS B 234 7.95 -19.91 14.04
N ARG B 235 8.67 -19.90 12.92
CA ARG B 235 8.16 -19.33 11.68
C ARG B 235 6.78 -19.90 11.37
N GLY B 236 5.83 -19.00 11.08
CA GLY B 236 4.48 -19.41 10.75
C GLY B 236 3.52 -19.43 11.91
N ASP B 237 4.01 -19.37 13.15
CA ASP B 237 3.12 -19.17 14.26
C ASP B 237 2.51 -17.76 14.17
N ILE B 238 1.54 -17.49 15.03
CA ILE B 238 0.71 -16.29 14.91
C ILE B 238 0.87 -15.39 16.13
N VAL B 239 1.03 -14.09 15.89
CA VAL B 239 0.84 -13.07 16.93
C VAL B 239 -0.34 -12.23 16.49
N GLU B 240 -1.36 -12.14 17.35
CA GLU B 240 -2.50 -11.26 17.09
C GLU B 240 -2.48 -10.12 18.10
N VAL B 241 -2.47 -8.90 17.58
CA VAL B 241 -2.52 -7.69 18.40
C VAL B 241 -3.94 -7.18 18.41
N VAL B 242 -4.48 -6.86 19.59
CA VAL B 242 -5.86 -6.38 19.70
C VAL B 242 -5.90 -5.19 20.64
N ASN B 243 -6.85 -4.28 20.37
CA ASN B 243 -7.26 -3.20 21.28
C ASN B 243 -6.24 -2.07 21.40
N THR B 244 -5.28 -1.96 20.49
CA THR B 244 -4.42 -0.77 20.52
C THR B 244 -5.15 0.42 19.89
N VAL B 245 -4.55 1.60 20.06
CA VAL B 245 -5.10 2.78 19.39
C VAL B 245 -4.64 2.91 17.95
N GLY B 246 -3.85 1.95 17.46
CA GLY B 246 -3.42 1.99 16.08
C GLY B 246 -4.49 1.48 15.13
N GLY B 247 -4.13 1.46 13.85
CA GLY B 247 -5.02 0.91 12.85
C GLY B 247 -4.81 -0.58 12.71
N THR B 248 -4.80 -1.07 11.48
CA THR B 248 -4.61 -2.48 11.21
C THR B 248 -3.37 -2.67 10.33
N LEU B 249 -2.63 -3.73 10.59
CA LEU B 249 -1.47 -4.06 9.77
C LEU B 249 -1.89 -4.25 8.31
N PRO B 250 -1.19 -3.65 7.35
CA PRO B 250 -1.53 -3.87 5.93
C PRO B 250 -1.43 -5.34 5.54
N GLY B 251 -2.42 -5.79 4.76
CA GLY B 251 -2.42 -7.16 4.28
C GLY B 251 -1.24 -7.50 3.38
N ILE B 252 -0.63 -6.51 2.74
CA ILE B 252 0.49 -6.76 1.83
C ILE B 252 1.85 -6.52 2.50
N ASP B 253 1.89 -6.44 3.83
CA ASP B 253 3.14 -6.19 4.53
C ASP B 253 4.25 -7.17 4.13
N GLY B 254 3.90 -8.45 3.98
CA GLY B 254 4.90 -9.50 3.91
C GLY B 254 4.60 -10.57 4.94
N LEU B 255 4.11 -10.14 6.11
CA LEU B 255 3.65 -11.05 7.15
C LEU B 255 2.22 -10.72 7.60
N GLY B 256 1.48 -9.95 6.80
CA GLY B 256 0.13 -9.55 7.18
C GLY B 256 -0.99 -10.23 6.38
N ASP B 257 -0.66 -11.34 5.70
CA ASP B 257 -1.56 -11.97 4.73
C ASP B 257 -2.97 -12.22 5.28
N TRP B 258 -3.07 -12.62 6.56
CA TRP B 258 -4.36 -13.03 7.11
C TRP B 258 -5.28 -11.86 7.38
N ASN B 259 -4.80 -10.62 7.24
CA ASN B 259 -5.68 -9.47 7.39
C ASN B 259 -6.48 -9.16 6.13
N ILE B 260 -6.19 -9.82 5.02
CA ILE B 260 -7.00 -9.66 3.81
C ILE B 260 -8.21 -10.57 3.90
N PRO B 261 -9.43 -10.04 3.74
CA PRO B 261 -10.61 -10.91 3.79
C PRO B 261 -10.55 -11.99 2.74
N TRP B 262 -11.09 -13.16 3.09
CA TRP B 262 -10.99 -14.34 2.24
C TRP B 262 -11.61 -14.11 0.87
N ASP B 263 -12.77 -13.45 0.80
CA ASP B 263 -13.36 -13.29 -0.53
C ASP B 263 -12.46 -12.46 -1.44
N GLN B 264 -11.75 -11.47 -0.89
CA GLN B 264 -10.80 -10.71 -1.69
C GLN B 264 -9.57 -11.53 -2.04
N TRP B 265 -9.03 -12.27 -1.06
CA TRP B 265 -7.85 -13.09 -1.29
C TRP B 265 -8.14 -14.13 -2.37
N ARG B 266 -9.25 -14.85 -2.21
CA ARG B 266 -9.56 -15.95 -3.12
C ARG B 266 -9.81 -15.44 -4.53
N ALA B 267 -10.47 -14.28 -4.66
CA ALA B 267 -10.66 -13.70 -5.99
C ALA B 267 -9.34 -13.43 -6.69
N GLY B 268 -8.29 -13.16 -5.93
CA GLY B 268 -6.95 -12.99 -6.47
C GLY B 268 -6.78 -11.67 -7.22
N ASN B 269 -5.59 -11.52 -7.80
CA ASN B 269 -5.26 -10.32 -8.55
C ASN B 269 -4.35 -10.65 -9.71
N ALA B 270 -4.65 -11.76 -10.39
CA ALA B 270 -3.85 -12.17 -11.55
C ALA B 270 -4.49 -11.81 -12.89
N LYS B 271 -5.79 -11.98 -13.04
CA LYS B 271 -6.38 -11.91 -14.38
C LYS B 271 -7.33 -10.73 -14.51
C 2RG C . -0.94 32.82 -8.33
N 2RG C . -2.58 30.98 -8.24
O 2RG C . -0.51 32.43 -9.37
CA 2RG C . -1.74 31.89 -7.44
CB 2RG C . -0.83 31.04 -6.54
CD 2RG C . -2.60 29.70 -7.52
CG 2RG C . -1.83 29.94 -6.23
CAA 2RG C . -0.42 25.89 -0.36
CAB 2RG C . 0.36 25.76 -1.68
OAC 2RG C . -0.64 26.93 0.19
CAD 2RG C . 0.09 26.82 -2.75
CAE 2RG C . 1.88 25.65 -1.38
CAF 2RG C . 2.62 25.39 -2.69
OAG 2RG C . 2.34 26.80 -0.75
CAH 2RG C . -1.35 26.85 -3.34
CAI 2RG C . -1.41 28.29 -3.82
NAJ 2RG C . 0.31 28.19 -2.35
SAK 2RG C . -1.02 28.41 -5.61
CAL 2RG C . -0.37 28.93 -3.00
CAM 2RG C . -0.22 30.45 -2.94
CAS 2RG C . -2.46 26.57 -2.37
OAT 2RG C . 0.80 30.96 -2.39
OAU 2RG C . -1.13 31.19 -3.41
NAX 2RG C . -0.77 34.18 -7.84
CAY 2RG C . -0.05 35.26 -8.51
CAZ 2RG C . 0.45 35.09 -9.79
CBA 2RG C . 1.13 36.13 -10.40
CBB 2RG C . 1.30 37.33 -9.73
CBC 2RG C . 0.81 37.50 -8.45
CBD 2RG C . 0.13 36.46 -7.84
CBE 2RG C . 1.66 35.96 -11.81
OBF 2RG C . 1.48 34.87 -12.42
OBG 2RG C . 2.29 36.89 -12.38
C1 GOL D . -6.16 2.12 4.85
O1 GOL D . -5.45 3.11 4.13
C2 GOL D . -5.97 2.33 6.34
O2 GOL D . -5.18 1.28 6.86
C3 GOL D . -5.30 3.66 6.63
O3 GOL D . -5.14 3.83 8.02
C1 GOL E . -18.63 9.42 -4.76
O1 GOL E . -18.98 8.05 -4.86
C2 GOL E . -18.76 10.08 -6.13
O2 GOL E . -20.11 10.04 -6.54
C3 GOL E . -18.34 11.54 -6.02
O3 GOL E . -19.11 12.16 -5.01
C1 GOL F . -11.17 -4.51 2.73
O1 GOL F . -12.39 -4.41 2.02
C2 GOL F . -10.16 -3.50 2.21
O2 GOL F . -9.47 -2.96 3.31
C3 GOL F . -9.15 -4.19 1.31
O3 GOL F . -8.66 -5.35 1.96
C1 GOL G . 0.18 4.28 3.38
O1 GOL G . -0.92 3.56 2.87
C2 GOL G . 0.70 5.27 2.34
O2 GOL G . 0.78 6.56 2.90
C3 GOL G . 2.08 4.87 1.84
O3 GOL G . 2.42 5.66 0.72
C1 GOL H . -3.19 34.87 -10.89
O1 GOL H . -3.72 34.15 -9.79
C2 GOL H . -2.44 33.91 -11.79
O2 GOL H . -3.34 32.90 -12.25
C3 GOL H . -1.84 34.65 -12.97
O3 GOL H . -1.16 33.73 -13.80
C1 PEG I . -1.20 -6.00 -6.43
O1 PEG I . 0.16 -6.33 -6.19
C2 PEG I . -1.42 -5.61 -7.89
O2 PEG I . -2.40 -6.38 -8.54
C3 PEG I . -3.72 -6.10 -8.22
C4 PEG I . -4.71 -6.14 -9.40
O4 PEG I . -4.91 -7.43 -9.90
C1 PEG J . -10.43 -9.36 -12.97
O1 PEG J . -9.62 -10.50 -13.00
C2 PEG J . -11.89 -9.80 -12.90
O2 PEG J . -12.29 -10.34 -14.13
C3 PEG J . -13.38 -9.71 -14.73
C4 PEG J . -13.50 -10.21 -16.17
O4 PEG J . -14.55 -9.52 -16.81
S SO4 K . 5.56 31.52 7.58
O1 SO4 K . 4.40 32.21 7.01
O2 SO4 K . 5.54 30.12 7.15
O3 SO4 K . 6.78 32.16 7.10
O4 SO4 K . 5.51 31.59 9.04
C 2RG L . 8.63 3.85 8.96
N 2RG L . 6.57 3.84 10.31
O 2RG L . 8.94 2.70 8.91
CA 2RG L . 7.94 4.40 10.19
CB 2RG L . 8.72 4.05 11.46
CD 2RG L . 6.38 3.42 11.69
CG 2RG L . 7.57 3.97 12.45
CAA 2RG L . 10.13 -1.43 17.01
CAB 2RG L . 10.43 -0.97 15.57
OAC 2RG L . 9.70 -0.65 17.80
CAD 2RG L . 9.46 0.11 15.19
CAE 2RG L . 11.87 -0.44 15.59
CAF 2RG L . 11.96 0.73 16.57
OAG 2RG L . 12.69 -1.47 16.05
CAH 2RG L . 9.73 0.74 13.81
CAI 2RG L . 8.34 1.17 13.42
NAJ 2RG L . 8.09 -0.35 15.05
SAK 2RG L . 8.00 2.90 13.89
CAL 2RG L . 7.52 0.26 14.19
CAM 2RG L . 6.05 0.00 13.83
CAS 2RG L . 10.23 -0.28 12.84
OAT 2RG L . 5.23 -0.38 14.70
OAU 2RG L . 5.66 0.18 12.64
NAX 2RG L . 8.91 4.73 7.83
CAY 2RG L . 9.57 4.22 6.64
CAZ 2RG L . 10.64 4.92 6.10
CBA 2RG L . 11.26 4.45 4.95
CBB 2RG L . 10.83 3.28 4.36
CBC 2RG L . 9.76 2.58 4.90
CBD 2RG L . 9.14 3.06 6.04
CBE 2RG L . 12.43 5.21 4.34
OBF 2RG L . 12.34 6.45 4.10
OBG 2RG L . 13.50 4.60 4.07
C1 GOL M . -8.11 -17.80 11.15
O1 GOL M . -8.38 -19.16 10.87
C2 GOL M . -8.25 -16.95 9.90
O2 GOL M . -9.55 -17.09 9.39
C3 GOL M . -8.04 -15.49 10.26
O3 GOL M . -8.02 -14.72 9.08
C1 GOL N . -6.21 -5.89 3.44
O1 GOL N . -7.56 -5.65 3.76
C2 GOL N . -5.33 -5.22 4.49
O2 GOL N . -4.66 -4.12 3.90
C3 GOL N . -6.16 -4.75 5.67
O3 GOL N . -5.30 -4.41 6.74
C1 GOL O . 12.18 -10.61 5.10
O1 GOL O . 12.62 -10.60 6.43
C2 GOL O . 12.46 -9.26 4.45
O2 GOL O . 13.37 -9.45 3.40
C3 GOL O . 13.11 -8.33 5.48
O3 GOL O . 12.24 -8.13 6.59
C1 GOL P . 8.72 -6.12 -3.11
O1 GOL P . 9.29 -7.05 -2.21
C2 GOL P . 9.79 -5.17 -3.65
O2 GOL P . 9.88 -4.04 -2.82
C3 GOL P . 11.15 -5.86 -3.67
O3 GOL P . 11.73 -5.77 -2.39
C1 GOL Q . 5.41 -23.53 19.15
O1 GOL Q . 6.21 -23.12 18.05
C2 GOL Q . 5.83 -24.89 19.70
O2 GOL Q . 5.60 -24.93 21.09
C3 GOL Q . 4.99 -25.97 19.01
O3 GOL Q . 4.70 -26.99 19.95
C TRS R . -7.62 -15.51 15.36
C1 TRS R . -7.78 -17.01 15.62
C2 TRS R . -8.40 -14.68 16.37
C3 TRS R . -8.03 -15.15 13.93
N TRS R . -6.19 -15.21 15.49
O1 TRS R . -9.10 -17.44 15.37
O2 TRS R . -9.69 -15.19 16.57
O3 TRS R . -9.43 -15.24 13.76
#